data_5AQZ
#
_entry.id   5AQZ
#
_cell.length_a   47.938
_cell.length_b   89.504
_cell.length_c   96.920
_cell.angle_alpha   90.00
_cell.angle_beta   90.00
_cell.angle_gamma   90.00
#
_symmetry.space_group_name_H-M   'P 21 21 21'
#
loop_
_entity.id
_entity.type
_entity.pdbx_description
1 polymer 'HEAT SHOCK 70 KDA PROTEIN 1A'
2 non-polymer SANGIVAMYCIN
3 non-polymer 1,2-ETHANEDIOL
4 water water
#
_entity_poly.entity_id   1
_entity_poly.type   'polypeptide(L)'
_entity_poly.pdbx_seq_one_letter_code
;GPLGSMAKAAAIGIDLGTTYSCVGVFQHGKVEIIANDQGNRTTPSYVAFTDTERLIGDAAKNQVALNPQNTVFDAKRLIG
RKFGDPVVQSDMKHWPFQVINDGDKPKVQVSYKGETKAFYPEEISSMVLTKMKEIAEAYLGYPVTNAVITVPAYFNDSQR
QATKDAGVIAGLNVLRIINEPTAAAIAYGLDRTGKGERNVLIFDLGGGTFDVSILTIDDGIFEVKATAGDTHLGGEDFDN
RLVNHFVEEFKRKHKKDISQNKRAVRRLRTACERAKRTLSSSTQASLEIDSLFEGIDFYTSITRARFEELCSDLFRSTLE
PVEKALRDAKLDKAQIHDLVLVGGSTRIPKVQKLLQDFFNGRDLNKSINPDEAVAYGAAVQAAILIKSTRAAAS
;
_entity_poly.pdbx_strand_id   A
#
# COMPACT_ATOMS: atom_id res chain seq x y z
N GLY A 4 17.32 32.74 20.10
CA GLY A 4 16.46 31.58 19.99
C GLY A 4 15.57 31.51 18.78
N SER A 5 14.75 30.46 18.76
CA SER A 5 13.80 30.26 17.68
C SER A 5 14.37 30.16 16.27
N MET A 6 15.45 29.41 16.09
CA MET A 6 16.01 29.22 14.76
C MET A 6 14.89 28.50 14.02
N ALA A 7 14.74 28.76 12.73
CA ALA A 7 13.64 28.15 11.98
C ALA A 7 13.66 26.62 12.04
N LYS A 8 12.49 26.07 12.33
CA LYS A 8 12.28 24.64 12.48
C LYS A 8 12.05 23.90 11.16
N ALA A 9 12.72 22.77 10.99
CA ALA A 9 12.55 21.98 9.79
C ALA A 9 11.17 21.34 9.84
N ALA A 10 10.55 21.16 8.69
CA ALA A 10 9.24 20.53 8.64
C ALA A 10 9.35 19.06 8.98
N ALA A 11 8.30 18.49 9.54
CA ALA A 11 8.26 17.04 9.84
C ALA A 11 7.51 16.34 8.69
N ILE A 12 7.77 15.05 8.47
CA ILE A 12 7.13 14.35 7.33
C ILE A 12 6.16 13.28 7.78
N GLY A 13 5.25 12.90 6.89
CA GLY A 13 4.31 11.84 7.17
C GLY A 13 4.64 10.71 6.20
N ILE A 14 4.84 9.50 6.72
CA ILE A 14 5.19 8.37 5.85
C ILE A 14 4.23 7.18 5.93
N ASP A 15 3.72 6.78 4.78
CA ASP A 15 2.86 5.61 4.70
C ASP A 15 3.86 4.54 4.29
N LEU A 16 4.21 3.66 5.23
CA LEU A 16 5.16 2.58 4.95
C LEU A 16 4.30 1.38 4.50
N GLY A 17 4.06 1.30 3.20
CA GLY A 17 3.20 0.28 2.64
C GLY A 17 3.82 -1.08 2.39
N THR A 18 2.95 -2.12 2.27
CA THR A 18 3.44 -3.49 2.03
C THR A 18 4.17 -3.54 0.68
N THR A 19 3.52 -2.95 -0.36
CA THR A 19 4.05 -2.93 -1.74
C THR A 19 4.67 -1.56 -2.12
N TYR A 20 3.99 -0.45 -1.75
CA TYR A 20 4.42 0.91 -2.10
C TYR A 20 4.40 1.80 -0.87
N SER A 21 5.30 2.78 -0.84
CA SER A 21 5.35 3.75 0.25
C SER A 21 5.11 5.16 -0.33
N CYS A 22 4.72 6.13 0.54
CA CYS A 22 4.33 7.48 0.09
C CYS A 22 4.74 8.46 1.20
N VAL A 23 5.27 9.64 0.83
CA VAL A 23 5.72 10.66 1.77
C VAL A 23 5.11 12.05 1.49
N GLY A 24 4.63 12.68 2.55
CA GLY A 24 4.02 14.02 2.50
C GLY A 24 4.59 14.99 3.52
N VAL A 25 4.33 16.27 3.29
CA VAL A 25 4.73 17.36 4.21
C VAL A 25 3.60 18.40 4.23
N PHE A 26 3.25 18.89 5.42
CA PHE A 26 2.21 19.90 5.59
C PHE A 26 2.93 21.25 5.67
N GLN A 27 2.68 22.11 4.67
CA GLN A 27 3.27 23.46 4.57
C GLN A 27 2.30 24.38 3.86
N HIS A 28 2.24 25.65 4.29
CA HIS A 28 1.37 26.68 3.66
C HIS A 28 -0.11 26.30 3.70
N GLY A 29 -0.54 25.74 4.85
CA GLY A 29 -1.89 25.29 5.10
C GLY A 29 -2.37 24.13 4.23
N LYS A 30 -1.43 23.43 3.54
CA LYS A 30 -1.79 22.32 2.67
C LYS A 30 -0.75 21.16 2.70
N VAL A 31 -1.16 19.96 2.28
CA VAL A 31 -0.24 18.82 2.21
C VAL A 31 0.30 18.69 0.81
N GLU A 32 1.61 18.54 0.69
CA GLU A 32 2.22 18.30 -0.58
C GLU A 32 2.71 16.85 -0.55
N ILE A 33 2.31 16.04 -1.51
CA ILE A 33 2.76 14.66 -1.57
C ILE A 33 3.98 14.78 -2.47
N ILE A 34 5.11 14.30 -1.98
CA ILE A 34 6.36 14.45 -2.69
C ILE A 34 6.76 13.36 -3.68
N ALA A 35 6.90 13.76 -4.94
CA ALA A 35 7.32 12.80 -5.97
C ALA A 35 8.81 12.51 -5.84
N ASN A 36 9.23 11.30 -6.19
CA ASN A 36 10.63 10.91 -6.17
C ASN A 36 11.29 11.43 -7.43
N ASP A 37 12.59 11.23 -7.57
CA ASP A 37 13.30 11.74 -8.74
C ASP A 37 12.92 11.15 -10.09
N GLN A 38 12.17 10.04 -10.08
CA GLN A 38 11.70 9.46 -11.32
C GLN A 38 10.28 10.00 -11.66
N GLY A 39 9.77 10.86 -10.79
CA GLY A 39 8.48 11.53 -10.93
C GLY A 39 7.28 10.79 -10.37
N ASN A 40 7.54 9.75 -9.58
CA ASN A 40 6.53 8.90 -8.98
C ASN A 40 6.14 9.37 -7.57
N ARG A 41 4.84 9.59 -7.34
CA ARG A 41 4.29 10.08 -6.07
C ARG A 41 4.22 8.98 -5.03
N THR A 42 4.47 7.71 -5.46
CA THR A 42 4.62 6.55 -4.57
C THR A 42 5.89 5.80 -5.01
N THR A 43 6.60 5.20 -4.03
CA THR A 43 7.85 4.48 -4.24
C THR A 43 7.73 2.99 -3.86
N PRO A 44 8.11 2.03 -4.73
CA PRO A 44 8.00 0.60 -4.34
C PRO A 44 8.76 0.29 -3.04
N SER A 45 8.15 -0.46 -2.14
CA SER A 45 8.77 -0.87 -0.87
C SER A 45 9.68 -2.10 -1.20
N TYR A 46 10.64 -1.90 -2.14
CA TYR A 46 11.58 -2.91 -2.63
C TYR A 46 13.01 -2.53 -2.40
N VAL A 47 13.82 -3.52 -2.07
CA VAL A 47 15.27 -3.38 -1.87
C VAL A 47 15.93 -4.53 -2.63
N ALA A 48 16.87 -4.23 -3.53
CA ALA A 48 17.61 -5.20 -4.33
C ALA A 48 19.09 -5.18 -3.98
N PHE A 49 19.70 -6.36 -3.98
CA PHE A 49 21.12 -6.48 -3.63
C PHE A 49 21.92 -7.09 -4.76
N THR A 50 23.03 -6.46 -5.13
CA THR A 50 23.88 -7.02 -6.20
C THR A 50 25.31 -7.13 -5.67
N ASP A 51 26.26 -7.45 -6.55
CA ASP A 51 27.66 -7.53 -6.14
C ASP A 51 28.21 -6.13 -5.90
N THR A 52 27.60 -5.13 -6.50
CA THR A 52 28.09 -3.76 -6.38
C THR A 52 27.17 -2.68 -5.82
N GLU A 53 25.87 -2.96 -5.74
CA GLU A 53 24.94 -1.95 -5.27
C GLU A 53 23.78 -2.43 -4.42
N ARG A 54 23.20 -1.49 -3.69
CA ARG A 54 22.01 -1.73 -2.92
C ARG A 54 21.04 -0.75 -3.57
N LEU A 55 19.98 -1.28 -4.16
CA LEU A 55 18.99 -0.47 -4.85
C LEU A 55 17.69 -0.41 -4.06
N ILE A 56 17.10 0.78 -4.00
CA ILE A 56 15.85 0.96 -3.27
C ILE A 56 14.79 1.64 -4.15
N GLY A 57 13.54 1.23 -3.97
CA GLY A 57 12.41 1.75 -4.73
C GLY A 57 12.29 1.36 -6.19
N ASP A 58 12.07 2.34 -7.07
CA ASP A 58 11.89 2.05 -8.50
C ASP A 58 13.06 1.23 -9.09
N ALA A 59 14.29 1.65 -8.81
CA ALA A 59 15.52 0.99 -9.32
C ALA A 59 15.59 -0.49 -8.90
N ALA A 60 15.04 -0.82 -7.73
CA ALA A 60 14.95 -2.20 -7.23
C ALA A 60 13.83 -2.95 -7.95
N LYS A 61 12.61 -2.39 -7.97
CA LYS A 61 11.47 -3.06 -8.65
C LYS A 61 11.74 -3.31 -10.15
N ASN A 62 12.36 -2.35 -10.85
CA ASN A 62 12.62 -2.45 -12.28
C ASN A 62 13.62 -3.56 -12.70
N GLN A 63 14.42 -4.12 -11.76
CA GLN A 63 15.36 -5.21 -12.11
C GLN A 63 14.98 -6.57 -11.43
N VAL A 64 13.76 -6.66 -10.88
CA VAL A 64 13.27 -7.83 -10.15
C VAL A 64 13.21 -9.12 -11.01
N ALA A 65 12.86 -9.02 -12.31
CA ALA A 65 12.73 -10.17 -13.21
C ALA A 65 13.95 -11.09 -13.30
N LEU A 66 15.15 -10.49 -13.37
CA LEU A 66 16.36 -11.29 -13.52
C LEU A 66 17.13 -11.50 -12.21
N ASN A 67 16.71 -10.80 -11.14
CA ASN A 67 17.34 -10.95 -9.85
C ASN A 67 16.27 -11.28 -8.78
N PRO A 68 15.39 -12.31 -8.98
CA PRO A 68 14.32 -12.55 -7.99
C PRO A 68 14.77 -13.03 -6.62
N GLN A 69 15.89 -13.73 -6.53
CA GLN A 69 16.37 -14.25 -5.25
C GLN A 69 16.95 -13.13 -4.36
N ASN A 70 17.44 -12.01 -4.93
CA ASN A 70 18.07 -10.95 -4.13
C ASN A 70 17.29 -9.62 -4.15
N THR A 71 16.03 -9.65 -4.60
CA THR A 71 15.15 -8.48 -4.60
C THR A 71 14.07 -8.70 -3.54
N VAL A 72 14.18 -8.00 -2.41
CA VAL A 72 13.24 -8.15 -1.29
C VAL A 72 12.07 -7.16 -1.35
N PHE A 73 10.87 -7.67 -1.07
CA PHE A 73 9.61 -6.91 -1.00
C PHE A 73 8.78 -7.61 0.09
N ASP A 74 7.62 -7.06 0.46
CA ASP A 74 6.72 -7.66 1.48
C ASP A 74 7.31 -7.82 2.88
N ALA A 75 8.41 -7.10 3.19
CA ALA A 75 9.02 -7.13 4.53
C ALA A 75 8.03 -6.77 5.63
N LYS A 76 6.94 -6.02 5.25
CA LYS A 76 5.87 -5.63 6.19
C LYS A 76 5.07 -6.83 6.71
N ARG A 77 4.99 -7.91 5.89
CA ARG A 77 4.30 -9.12 6.26
C ARG A 77 5.09 -9.94 7.33
N LEU A 78 6.39 -9.67 7.49
CA LEU A 78 7.26 -10.36 8.44
C LEU A 78 7.56 -9.54 9.71
N ILE A 79 7.50 -8.21 9.60
CA ILE A 79 7.91 -7.28 10.66
C ILE A 79 7.21 -7.56 12.01
N GLY A 80 8.01 -7.69 13.08
CA GLY A 80 7.48 -7.94 14.43
C GLY A 80 6.85 -9.28 14.69
N ARG A 81 6.99 -10.23 13.73
CA ARG A 81 6.42 -11.58 13.84
C ARG A 81 7.50 -12.63 14.18
N LYS A 82 7.08 -13.79 14.71
CA LYS A 82 8.02 -14.86 15.00
C LYS A 82 8.11 -15.76 13.74
N PHE A 83 9.21 -16.46 13.56
CA PHE A 83 9.41 -17.32 12.40
C PHE A 83 8.34 -18.40 12.36
N GLY A 84 7.97 -18.90 13.54
CA GLY A 84 6.97 -19.94 13.68
C GLY A 84 5.55 -19.49 13.41
N ASP A 85 5.33 -18.18 13.30
CA ASP A 85 3.99 -17.68 13.08
C ASP A 85 3.41 -18.35 11.84
N PRO A 86 2.15 -18.77 11.91
CA PRO A 86 1.52 -19.46 10.79
C PRO A 86 1.49 -18.61 9.53
N VAL A 87 1.26 -17.30 9.69
CA VAL A 87 1.21 -16.40 8.55
C VAL A 87 2.56 -16.38 7.82
N VAL A 88 3.64 -16.31 8.60
CA VAL A 88 5.02 -16.31 8.08
C VAL A 88 5.30 -17.61 7.27
N GLN A 89 4.97 -18.76 7.84
CA GLN A 89 5.15 -20.07 7.20
C GLN A 89 4.37 -20.21 5.89
N SER A 90 3.14 -19.67 5.82
CA SER A 90 2.34 -19.75 4.60
C SER A 90 2.89 -18.78 3.53
N ASP A 91 3.16 -17.51 3.92
CA ASP A 91 3.68 -16.46 3.01
C ASP A 91 4.98 -16.83 2.33
N MET A 92 5.89 -17.50 3.07
CA MET A 92 7.23 -17.92 2.62
C MET A 92 7.24 -18.74 1.34
N LYS A 93 6.17 -19.54 1.12
CA LYS A 93 6.00 -20.41 -0.05
C LYS A 93 5.85 -19.64 -1.36
N HIS A 94 5.42 -18.36 -1.28
CA HIS A 94 5.18 -17.50 -2.44
C HIS A 94 6.34 -16.58 -2.81
N TRP A 95 7.35 -16.42 -1.93
CA TRP A 95 8.47 -15.51 -2.14
C TRP A 95 9.68 -16.21 -2.76
N PRO A 96 10.30 -15.61 -3.81
CA PRO A 96 11.51 -16.24 -4.40
C PRO A 96 12.77 -16.05 -3.57
N PHE A 97 12.74 -15.09 -2.63
CA PHE A 97 13.88 -14.82 -1.75
C PHE A 97 13.80 -15.75 -0.55
N GLN A 98 14.95 -16.07 0.05
CA GLN A 98 15.08 -16.98 1.19
C GLN A 98 14.80 -16.25 2.51
N VAL A 99 13.97 -16.87 3.37
CA VAL A 99 13.64 -16.41 4.71
C VAL A 99 14.19 -17.49 5.66
N ILE A 100 15.04 -17.09 6.62
CA ILE A 100 15.72 -17.99 7.55
C ILE A 100 15.24 -17.82 8.99
N ASN A 101 15.58 -18.82 9.83
CA ASN A 101 15.21 -18.85 11.24
C ASN A 101 16.41 -18.50 12.10
N ASP A 102 16.38 -17.32 12.75
CA ASP A 102 17.43 -16.91 13.69
C ASP A 102 16.75 -16.70 15.05
N GLY A 103 16.78 -17.71 15.92
CA GLY A 103 16.17 -17.67 17.24
C GLY A 103 14.68 -17.39 17.21
N ASP A 104 13.98 -18.09 16.30
CA ASP A 104 12.53 -17.94 16.05
C ASP A 104 12.16 -16.49 15.60
N LYS A 105 13.12 -15.81 14.97
CA LYS A 105 12.90 -14.50 14.36
C LYS A 105 13.25 -14.67 12.88
N PRO A 106 12.35 -14.23 11.97
CA PRO A 106 12.66 -14.35 10.54
C PRO A 106 13.67 -13.30 10.09
N LYS A 107 14.51 -13.69 9.14
CA LYS A 107 15.49 -12.82 8.49
C LYS A 107 15.49 -13.17 7.02
N VAL A 108 15.69 -12.16 6.16
N VAL A 108 15.68 -12.16 6.16
CA VAL A 108 15.76 -12.37 4.71
CA VAL A 108 15.77 -12.39 4.72
C VAL A 108 17.24 -12.50 4.35
C VAL A 108 17.25 -12.54 4.39
N GLN A 109 17.62 -13.61 3.67
CA GLN A 109 19.02 -13.89 3.31
C GLN A 109 19.26 -13.73 1.81
N VAL A 110 20.29 -12.96 1.46
CA VAL A 110 20.61 -12.62 0.06
C VAL A 110 22.13 -12.69 -0.19
N SER A 111 22.51 -12.51 -1.47
CA SER A 111 23.89 -12.36 -1.94
C SER A 111 24.07 -10.83 -2.11
N TYR A 112 25.09 -10.26 -1.47
CA TYR A 112 25.28 -8.82 -1.48
C TYR A 112 26.75 -8.52 -1.30
N LYS A 113 27.35 -7.82 -2.30
CA LYS A 113 28.74 -7.37 -2.28
C LYS A 113 29.73 -8.49 -1.91
N GLY A 114 29.59 -9.62 -2.59
CA GLY A 114 30.48 -10.78 -2.47
C GLY A 114 30.23 -11.73 -1.32
N GLU A 115 29.14 -11.54 -0.56
CA GLU A 115 28.86 -12.40 0.59
C GLU A 115 27.40 -12.66 0.85
N THR A 116 27.13 -13.69 1.65
CA THR A 116 25.77 -14.01 2.01
C THR A 116 25.45 -13.18 3.24
N LYS A 117 24.40 -12.38 3.15
CA LYS A 117 23.97 -11.49 4.23
C LYS A 117 22.52 -11.70 4.59
N ALA A 118 22.23 -11.63 5.89
CA ALA A 118 20.88 -11.80 6.40
C ALA A 118 20.44 -10.52 7.11
N PHE A 119 19.20 -10.12 6.88
CA PHE A 119 18.67 -8.90 7.48
C PHE A 119 17.35 -9.15 8.16
N TYR A 120 17.13 -8.51 9.30
CA TYR A 120 15.82 -8.56 9.97
C TYR A 120 14.84 -7.72 9.13
N PRO A 121 13.51 -8.00 9.19
CA PRO A 121 12.52 -7.19 8.43
C PRO A 121 12.62 -5.67 8.70
N GLU A 122 12.84 -5.28 9.96
CA GLU A 122 12.98 -3.86 10.30
C GLU A 122 14.23 -3.22 9.66
N GLU A 123 15.28 -4.02 9.30
CA GLU A 123 16.44 -3.49 8.59
C GLU A 123 16.03 -3.19 7.15
N ILE A 124 15.27 -4.12 6.51
CA ILE A 124 14.76 -3.88 5.14
C ILE A 124 13.88 -2.64 5.10
N SER A 125 12.93 -2.54 6.03
CA SER A 125 12.01 -1.40 6.17
C SER A 125 12.79 -0.10 6.48
N SER A 126 13.93 -0.17 7.20
CA SER A 126 14.76 1.01 7.45
C SER A 126 15.34 1.52 6.14
N MET A 127 15.66 0.61 5.19
CA MET A 127 16.22 1.03 3.89
C MET A 127 15.15 1.76 3.05
N VAL A 128 13.89 1.30 3.12
CA VAL A 128 12.75 1.94 2.43
C VAL A 128 12.49 3.31 3.09
N LEU A 129 12.58 3.39 4.43
CA LEU A 129 12.42 4.66 5.15
C LEU A 129 13.55 5.67 4.82
N THR A 130 14.79 5.17 4.58
CA THR A 130 15.92 6.02 4.22
C THR A 130 15.63 6.66 2.87
N LYS A 131 15.08 5.88 1.90
CA LYS A 131 14.69 6.41 0.60
C LYS A 131 13.59 7.49 0.74
N MET A 132 12.55 7.20 1.53
CA MET A 132 11.46 8.18 1.76
C MET A 132 11.96 9.51 2.36
N LYS A 133 12.89 9.42 3.32
CA LYS A 133 13.56 10.56 3.94
C LYS A 133 14.32 11.37 2.87
N GLU A 134 15.08 10.69 2.00
CA GLU A 134 15.84 11.35 0.94
C GLU A 134 14.98 12.08 -0.10
N ILE A 135 13.87 11.46 -0.48
CA ILE A 135 12.88 12.02 -1.39
C ILE A 135 12.42 13.38 -0.82
N ALA A 136 12.02 13.40 0.47
CA ALA A 136 11.56 14.61 1.15
C ALA A 136 12.67 15.64 1.25
N GLU A 137 13.92 15.20 1.54
CA GLU A 137 15.07 16.11 1.68
C GLU A 137 15.42 16.78 0.34
N ALA A 138 15.25 16.03 -0.78
CA ALA A 138 15.52 16.55 -2.12
C ALA A 138 14.56 17.70 -2.47
N TYR A 139 13.29 17.61 -2.02
CA TYR A 139 12.26 18.64 -2.22
C TYR A 139 12.46 19.85 -1.31
N LEU A 140 12.60 19.61 0.01
CA LEU A 140 12.71 20.66 1.02
C LEU A 140 14.04 21.41 0.96
N GLY A 141 15.11 20.73 0.54
CA GLY A 141 16.45 21.29 0.42
C GLY A 141 17.21 21.40 1.73
N TYR A 142 16.84 20.58 2.73
CA TYR A 142 17.53 20.57 4.02
C TYR A 142 17.30 19.21 4.72
N PRO A 143 18.14 18.79 5.71
CA PRO A 143 17.90 17.48 6.35
C PRO A 143 16.60 17.42 7.13
N VAL A 144 15.96 16.24 7.07
CA VAL A 144 14.70 15.99 7.76
C VAL A 144 14.95 15.01 8.90
N THR A 145 14.47 15.36 10.09
CA THR A 145 14.65 14.55 11.29
C THR A 145 13.40 13.85 11.83
N ASN A 146 12.30 14.58 11.89
CA ASN A 146 11.06 14.11 12.47
C ASN A 146 10.04 13.51 11.52
N ALA A 147 9.44 12.41 11.94
CA ALA A 147 8.44 11.73 11.09
C ALA A 147 7.31 11.02 11.85
N VAL A 148 6.16 10.93 11.21
CA VAL A 148 5.05 10.16 11.73
C VAL A 148 4.99 8.98 10.74
N ILE A 149 4.92 7.77 11.26
CA ILE A 149 4.86 6.57 10.42
C ILE A 149 3.60 5.80 10.74
N THR A 150 2.89 5.34 9.71
CA THR A 150 1.64 4.62 9.91
C THR A 150 1.75 3.09 9.83
N VAL A 151 0.85 2.41 10.52
CA VAL A 151 0.77 0.93 10.51
C VAL A 151 -0.71 0.51 10.38
N PRO A 152 -1.00 -0.74 9.99
CA PRO A 152 -2.39 -1.22 10.02
C PRO A 152 -2.99 -1.19 11.44
N ALA A 153 -4.29 -0.92 11.58
CA ALA A 153 -4.93 -0.86 12.92
C ALA A 153 -4.80 -2.18 13.73
N TYR A 154 -4.69 -3.32 13.03
CA TYR A 154 -4.56 -4.64 13.64
C TYR A 154 -3.14 -4.98 14.14
N PHE A 155 -2.09 -4.11 13.86
CA PHE A 155 -0.72 -4.38 14.34
C PHE A 155 -0.69 -4.42 15.88
N ASN A 156 0.05 -5.38 16.45
CA ASN A 156 0.20 -5.53 17.90
C ASN A 156 1.42 -4.68 18.38
N ASP A 157 1.74 -4.69 19.69
CA ASP A 157 2.88 -3.94 20.25
C ASP A 157 4.22 -4.27 19.60
N SER A 158 4.42 -5.57 19.32
CA SER A 158 5.65 -6.06 18.71
C SER A 158 5.80 -5.49 17.32
N GLN A 159 4.73 -5.54 16.52
CA GLN A 159 4.77 -5.02 15.13
C GLN A 159 4.96 -3.50 15.11
N ARG A 160 4.35 -2.80 16.08
CA ARG A 160 4.49 -1.34 16.24
C ARG A 160 5.93 -0.96 16.64
N GLN A 161 6.49 -1.68 17.63
CA GLN A 161 7.87 -1.45 18.11
C GLN A 161 8.89 -1.70 17.00
N ALA A 162 8.70 -2.78 16.20
CA ALA A 162 9.65 -3.09 15.14
C ALA A 162 9.61 -2.01 14.06
N THR A 163 8.42 -1.38 13.86
CA THR A 163 8.29 -0.28 12.88
C THR A 163 9.08 0.95 13.41
N LYS A 164 8.97 1.26 14.72
CA LYS A 164 9.74 2.35 15.36
C LYS A 164 11.24 2.13 15.16
N ASP A 165 11.72 0.88 15.44
CA ASP A 165 13.13 0.46 15.29
C ASP A 165 13.56 0.69 13.86
N ALA A 166 12.69 0.37 12.87
CA ALA A 166 13.01 0.62 11.46
C ALA A 166 13.32 2.12 11.21
N GLY A 167 12.53 3.01 11.81
CA GLY A 167 12.73 4.46 11.68
C GLY A 167 14.01 4.92 12.35
N VAL A 168 14.26 4.41 13.56
CA VAL A 168 15.47 4.71 14.34
C VAL A 168 16.74 4.30 13.53
N ILE A 169 16.73 3.09 12.90
CA ILE A 169 17.86 2.63 12.07
C ILE A 169 18.07 3.61 10.90
N ALA A 170 16.97 4.11 10.29
CA ALA A 170 16.99 5.06 9.18
C ALA A 170 17.42 6.50 9.58
N GLY A 171 17.69 6.74 10.86
CA GLY A 171 18.09 8.07 11.35
C GLY A 171 16.94 9.02 11.60
N LEU A 172 15.70 8.53 11.59
CA LEU A 172 14.52 9.37 11.82
C LEU A 172 14.12 9.31 13.27
N ASN A 173 13.64 10.45 13.82
CA ASN A 173 13.00 10.53 15.13
C ASN A 173 11.51 10.23 14.83
N VAL A 174 10.99 9.12 15.40
CA VAL A 174 9.60 8.71 15.16
C VAL A 174 8.73 9.43 16.16
N LEU A 175 7.99 10.43 15.70
CA LEU A 175 7.12 11.21 16.57
C LEU A 175 6.01 10.36 17.14
N ARG A 176 5.42 9.54 16.30
CA ARG A 176 4.35 8.66 16.71
C ARG A 176 4.09 7.59 15.68
N ILE A 177 3.48 6.49 16.09
CA ILE A 177 3.09 5.44 15.17
C ILE A 177 1.56 5.56 15.20
N ILE A 178 0.94 5.79 14.06
N ILE A 178 0.94 5.73 14.05
CA ILE A 178 -0.51 5.92 14.03
CA ILE A 178 -0.50 5.98 13.96
C ILE A 178 -1.14 4.97 13.03
C ILE A 178 -1.15 5.01 12.99
N ASN A 179 -2.37 4.54 13.30
CA ASN A 179 -3.08 3.60 12.43
C ASN A 179 -3.38 4.19 11.06
N GLU A 180 -3.28 3.35 10.03
CA GLU A 180 -3.52 3.81 8.67
C GLU A 180 -4.94 4.33 8.46
N PRO A 181 -5.95 3.64 8.97
CA PRO A 181 -7.33 4.11 8.80
C PRO A 181 -7.53 5.47 9.46
N THR A 182 -6.93 5.65 10.63
CA THR A 182 -7.03 6.91 11.35
C THR A 182 -6.38 8.04 10.57
N ALA A 183 -5.24 7.75 9.94
CA ALA A 183 -4.54 8.75 9.14
C ALA A 183 -5.41 9.19 7.97
N ALA A 184 -6.11 8.25 7.35
CA ALA A 184 -6.97 8.59 6.23
C ALA A 184 -8.09 9.52 6.69
N ALA A 185 -8.64 9.23 7.86
CA ALA A 185 -9.71 10.05 8.41
C ALA A 185 -9.23 11.48 8.68
N ILE A 186 -8.01 11.60 9.18
CA ILE A 186 -7.40 12.89 9.46
C ILE A 186 -7.21 13.71 8.18
N ALA A 187 -6.79 13.04 7.11
CA ALA A 187 -6.60 13.67 5.79
C ALA A 187 -7.89 14.43 5.37
N TYR A 188 -9.08 13.81 5.60
CA TYR A 188 -10.36 14.44 5.26
C TYR A 188 -10.87 15.39 6.35
N GLY A 189 -10.12 15.52 7.44
CA GLY A 189 -10.49 16.41 8.55
C GLY A 189 -11.67 15.91 9.35
N LEU A 190 -11.90 14.58 9.31
CA LEU A 190 -13.06 13.97 9.97
C LEU A 190 -13.02 14.05 11.50
N ASP A 191 -11.85 14.44 12.04
CA ASP A 191 -11.65 14.67 13.48
C ASP A 191 -11.86 16.16 13.87
N ARG A 192 -12.12 17.03 12.88
CA ARG A 192 -12.29 18.49 13.07
C ARG A 192 -13.74 18.96 12.93
N THR A 193 -14.73 18.07 13.08
CA THR A 193 -16.13 18.47 12.90
C THR A 193 -16.78 18.92 14.24
N GLY A 194 -15.98 19.01 15.32
CA GLY A 194 -16.44 19.46 16.64
C GLY A 194 -17.05 18.37 17.50
N LYS A 195 -17.87 18.78 18.50
CA LYS A 195 -18.56 17.88 19.43
C LYS A 195 -19.52 16.92 18.70
N GLY A 196 -19.67 15.71 19.25
CA GLY A 196 -20.56 14.68 18.70
C GLY A 196 -19.84 13.45 18.16
N GLU A 197 -20.48 12.27 18.31
CA GLU A 197 -19.95 10.99 17.83
C GLU A 197 -20.16 10.87 16.33
N ARG A 198 -19.12 10.43 15.62
CA ARG A 198 -19.13 10.23 14.17
C ARG A 198 -18.55 8.84 13.87
N ASN A 199 -19.30 7.99 13.14
CA ASN A 199 -18.86 6.63 12.75
C ASN A 199 -18.33 6.68 11.33
N VAL A 200 -17.07 6.27 11.14
CA VAL A 200 -16.38 6.32 9.85
C VAL A 200 -15.94 4.91 9.41
N LEU A 201 -16.24 4.53 8.15
CA LEU A 201 -15.80 3.25 7.61
C LEU A 201 -14.75 3.51 6.54
N ILE A 202 -13.57 2.92 6.72
N ILE A 202 -13.56 2.91 6.70
CA ILE A 202 -12.45 3.03 5.77
CA ILE A 202 -12.44 3.06 5.74
C ILE A 202 -12.48 1.74 4.96
C ILE A 202 -12.34 1.76 4.96
N PHE A 203 -12.51 1.85 3.64
CA PHE A 203 -12.47 0.75 2.70
C PHE A 203 -11.14 0.86 2.00
N ASP A 204 -10.20 -0.02 2.37
CA ASP A 204 -8.86 0.01 1.79
C ASP A 204 -8.55 -1.23 0.96
N LEU A 205 -8.52 -1.04 -0.36
CA LEU A 205 -8.21 -2.13 -1.27
C LEU A 205 -6.93 -1.74 -2.00
N GLY A 206 -5.87 -2.47 -1.72
CA GLY A 206 -4.57 -2.20 -2.32
C GLY A 206 -4.14 -3.21 -3.36
N GLY A 207 -2.84 -3.38 -3.49
CA GLY A 207 -2.21 -4.26 -4.46
C GLY A 207 -2.39 -5.75 -4.18
N GLY A 208 -2.34 -6.12 -2.90
CA GLY A 208 -2.47 -7.53 -2.53
C GLY A 208 -3.18 -7.79 -1.21
N THR A 209 -3.73 -6.73 -0.60
CA THR A 209 -4.44 -6.80 0.68
C THR A 209 -5.70 -5.93 0.72
N PHE A 210 -6.70 -6.36 1.49
CA PHE A 210 -7.97 -5.66 1.64
C PHE A 210 -8.33 -5.52 3.10
N ASP A 211 -8.47 -4.28 3.57
CA ASP A 211 -8.81 -4.02 4.96
C ASP A 211 -10.02 -3.11 5.08
N VAL A 212 -10.90 -3.45 6.03
CA VAL A 212 -12.06 -2.64 6.39
C VAL A 212 -11.88 -2.27 7.85
N SER A 213 -12.01 -0.99 8.15
CA SER A 213 -11.90 -0.50 9.52
C SER A 213 -13.07 0.37 9.87
N ILE A 214 -13.64 0.18 11.05
CA ILE A 214 -14.70 1.05 11.53
C ILE A 214 -14.16 1.86 12.73
N LEU A 215 -14.18 3.20 12.63
CA LEU A 215 -13.76 4.08 13.73
C LEU A 215 -14.92 4.93 14.25
N THR A 216 -14.81 5.34 15.50
CA THR A 216 -15.77 6.25 16.09
C THR A 216 -14.93 7.45 16.50
N ILE A 217 -15.34 8.65 16.13
CA ILE A 217 -14.60 9.83 16.48
C ILE A 217 -15.47 10.70 17.39
N ASP A 218 -14.99 10.99 18.59
CA ASP A 218 -15.73 11.81 19.53
C ASP A 218 -14.82 12.94 20.00
N ASP A 219 -15.23 14.17 19.70
CA ASP A 219 -14.47 15.37 20.07
C ASP A 219 -12.96 15.27 19.70
N GLY A 220 -12.68 14.72 18.52
CA GLY A 220 -11.31 14.55 18.04
C GLY A 220 -10.61 13.28 18.50
N ILE A 221 -11.21 12.54 19.46
CA ILE A 221 -10.68 11.26 19.98
C ILE A 221 -11.15 10.08 19.08
N PHE A 222 -10.19 9.27 18.61
CA PHE A 222 -10.49 8.10 17.78
C PHE A 222 -10.52 6.82 18.59
N GLU A 223 -11.42 5.89 18.25
N GLU A 223 -11.43 5.90 18.25
CA GLU A 223 -11.50 4.57 18.85
CA GLU A 223 -11.54 4.57 18.82
C GLU A 223 -11.73 3.57 17.73
C GLU A 223 -11.69 3.60 17.66
N VAL A 224 -10.93 2.50 17.68
CA VAL A 224 -11.03 1.45 16.64
C VAL A 224 -12.17 0.54 17.10
N LYS A 225 -13.26 0.52 16.34
CA LYS A 225 -14.42 -0.29 16.73
C LYS A 225 -14.40 -1.69 16.13
N ALA A 226 -13.92 -1.83 14.88
CA ALA A 226 -13.83 -3.12 14.19
C ALA A 226 -12.78 -3.07 13.10
N THR A 227 -12.21 -4.25 12.79
CA THR A 227 -11.23 -4.43 11.72
C THR A 227 -11.57 -5.77 11.09
N ALA A 228 -11.60 -5.80 9.76
CA ALA A 228 -11.92 -6.99 8.99
C ALA A 228 -11.26 -6.88 7.63
N GLY A 229 -11.19 -7.98 6.88
CA GLY A 229 -10.59 -7.95 5.57
C GLY A 229 -10.27 -9.30 4.98
N ASP A 230 -9.57 -9.28 3.85
CA ASP A 230 -9.12 -10.48 3.16
C ASP A 230 -7.62 -10.25 3.03
N THR A 231 -6.84 -11.14 3.64
CA THR A 231 -5.38 -11.03 3.66
C THR A 231 -4.73 -11.08 2.30
N HIS A 232 -5.30 -11.86 1.41
CA HIS A 232 -4.75 -11.96 0.08
C HIS A 232 -5.84 -11.68 -0.94
N LEU A 233 -6.22 -10.41 -1.04
CA LEU A 233 -7.19 -9.96 -2.01
C LEU A 233 -6.76 -8.56 -2.40
N GLY A 234 -6.58 -8.32 -3.68
CA GLY A 234 -6.18 -7.01 -4.16
C GLY A 234 -6.01 -6.95 -5.66
N GLY A 235 -5.43 -5.84 -6.10
CA GLY A 235 -5.18 -5.53 -7.51
C GLY A 235 -4.49 -6.64 -8.29
N GLU A 236 -3.52 -7.33 -7.63
CA GLU A 236 -2.74 -8.42 -8.25
C GLU A 236 -3.65 -9.59 -8.68
N ASP A 237 -4.76 -9.85 -7.95
CA ASP A 237 -5.72 -10.90 -8.32
C ASP A 237 -6.50 -10.52 -9.57
N PHE A 238 -6.71 -9.20 -9.81
CA PHE A 238 -7.41 -8.72 -11.00
C PHE A 238 -6.49 -8.85 -12.20
N ASP A 239 -5.20 -8.51 -12.01
CA ASP A 239 -4.15 -8.68 -13.05
C ASP A 239 -4.08 -10.17 -13.46
N ASN A 240 -4.16 -11.10 -12.47
CA ASN A 240 -4.12 -12.55 -12.63
C ASN A 240 -5.27 -13.08 -13.53
N ARG A 241 -6.51 -12.58 -13.33
CA ARG A 241 -7.67 -12.98 -14.15
C ARG A 241 -7.51 -12.53 -15.60
N LEU A 242 -6.97 -11.31 -15.82
CA LEU A 242 -6.71 -10.79 -17.17
C LEU A 242 -5.62 -11.64 -17.85
N VAL A 243 -4.52 -12.00 -17.13
CA VAL A 243 -3.42 -12.85 -17.63
C VAL A 243 -4.01 -14.18 -18.15
N ASN A 244 -4.77 -14.89 -17.29
CA ASN A 244 -5.40 -16.18 -17.62
C ASN A 244 -6.35 -16.08 -18.82
N HIS A 245 -7.10 -14.98 -18.90
CA HIS A 245 -8.00 -14.72 -20.03
C HIS A 245 -7.19 -14.59 -21.34
N PHE A 246 -6.10 -13.80 -21.32
CA PHE A 246 -5.33 -13.59 -22.55
C PHE A 246 -4.46 -14.80 -22.94
N VAL A 247 -4.03 -15.63 -21.96
CA VAL A 247 -3.27 -16.86 -22.22
C VAL A 247 -4.20 -17.78 -23.04
N GLU A 248 -5.47 -17.92 -22.61
CA GLU A 248 -6.50 -18.70 -23.29
C GLU A 248 -6.80 -18.13 -24.70
N GLU A 249 -6.85 -16.80 -24.85
CA GLU A 249 -7.14 -16.14 -26.14
C GLU A 249 -6.03 -16.38 -27.16
N PHE A 250 -4.77 -16.39 -26.69
CA PHE A 250 -3.61 -16.65 -27.55
C PHE A 250 -3.63 -18.11 -28.05
N LYS A 251 -3.98 -19.06 -27.14
CA LYS A 251 -4.13 -20.49 -27.45
C LYS A 251 -5.21 -20.68 -28.52
N ARG A 252 -6.36 -20.01 -28.35
CA ARG A 252 -7.49 -20.09 -29.29
C ARG A 252 -7.12 -19.59 -30.70
N LYS A 253 -6.56 -18.40 -30.76
CA LYS A 253 -6.15 -17.80 -32.02
C LYS A 253 -4.94 -18.44 -32.71
N HIS A 254 -3.90 -18.74 -31.94
CA HIS A 254 -2.67 -19.30 -32.49
C HIS A 254 -2.32 -20.76 -32.20
N LYS A 255 -3.10 -21.45 -31.38
CA LYS A 255 -2.79 -22.84 -31.05
C LYS A 255 -1.42 -23.02 -30.39
N LYS A 256 -1.06 -22.08 -29.53
CA LYS A 256 0.18 -22.08 -28.78
C LYS A 256 -0.03 -21.68 -27.33
N ASP A 257 0.63 -22.40 -26.42
CA ASP A 257 0.59 -22.14 -25.00
C ASP A 257 1.85 -21.32 -24.62
N ILE A 258 1.64 -20.09 -24.14
CA ILE A 258 2.73 -19.18 -23.76
C ILE A 258 3.14 -19.34 -22.31
N SER A 259 2.31 -20.04 -21.50
CA SER A 259 2.42 -20.11 -20.05
C SER A 259 3.76 -20.63 -19.47
N GLN A 260 4.60 -21.33 -20.26
CA GLN A 260 5.87 -21.84 -19.72
C GLN A 260 7.06 -20.95 -20.05
N ASN A 261 6.82 -19.80 -20.70
CA ASN A 261 7.88 -18.83 -20.98
C ASN A 261 7.66 -17.67 -20.01
N LYS A 262 8.49 -17.62 -18.97
CA LYS A 262 8.41 -16.59 -17.94
C LYS A 262 8.41 -15.16 -18.49
N ARG A 263 9.26 -14.85 -19.53
CA ARG A 263 9.32 -13.50 -20.14
C ARG A 263 7.98 -13.13 -20.79
N ALA A 264 7.40 -14.03 -21.60
CA ALA A 264 6.12 -13.81 -22.27
C ALA A 264 5.00 -13.55 -21.24
N VAL A 265 4.89 -14.39 -20.20
CA VAL A 265 3.87 -14.23 -19.15
C VAL A 265 4.05 -12.86 -18.45
N ARG A 266 5.32 -12.53 -18.12
CA ARG A 266 5.67 -11.27 -17.45
C ARG A 266 5.25 -10.07 -18.29
N ARG A 267 5.58 -10.08 -19.59
CA ARG A 267 5.22 -9.01 -20.53
C ARG A 267 3.70 -8.89 -20.65
N LEU A 268 2.98 -10.02 -20.63
CA LEU A 268 1.51 -10.04 -20.69
C LEU A 268 0.92 -9.37 -19.43
N ARG A 269 1.41 -9.76 -18.23
CA ARG A 269 0.95 -9.24 -16.95
C ARG A 269 1.11 -7.73 -16.84
N THR A 270 2.32 -7.22 -17.21
CA THR A 270 2.63 -5.78 -17.20
C THR A 270 1.62 -5.04 -18.08
N ALA A 271 1.32 -5.58 -19.28
CA ALA A 271 0.36 -5.01 -20.22
C ALA A 271 -1.08 -5.05 -19.66
N CYS A 272 -1.43 -6.14 -18.95
CA CYS A 272 -2.77 -6.32 -18.33
C CYS A 272 -3.03 -5.30 -17.21
N GLU A 273 -2.03 -5.07 -16.35
CA GLU A 273 -2.10 -4.10 -15.25
C GLU A 273 -2.34 -2.67 -15.80
N ARG A 274 -1.67 -2.32 -16.91
CA ARG A 274 -1.81 -1.03 -17.59
C ARG A 274 -3.20 -0.93 -18.25
N ALA A 275 -3.68 -2.01 -18.91
CA ALA A 275 -5.01 -2.02 -19.53
C ALA A 275 -6.09 -1.89 -18.45
N LYS A 276 -5.88 -2.57 -17.31
CA LYS A 276 -6.77 -2.52 -16.15
C LYS A 276 -6.97 -1.06 -15.67
N ARG A 277 -5.89 -0.29 -15.58
CA ARG A 277 -5.95 1.12 -15.16
C ARG A 277 -6.77 1.96 -16.14
N THR A 278 -6.57 1.73 -17.45
CA THR A 278 -7.28 2.41 -18.53
C THR A 278 -8.78 2.16 -18.40
N LEU A 279 -9.17 0.91 -18.06
CA LEU A 279 -10.57 0.51 -17.94
C LEU A 279 -11.33 1.22 -16.79
N SER A 280 -10.60 1.92 -15.90
CA SER A 280 -11.23 2.71 -14.81
C SER A 280 -11.74 4.08 -15.31
N SER A 281 -11.23 4.52 -16.46
CA SER A 281 -11.64 5.79 -17.07
C SER A 281 -12.21 5.63 -18.48
N SER A 282 -12.03 4.45 -19.07
CA SER A 282 -12.50 4.16 -20.42
C SER A 282 -13.27 2.85 -20.49
N THR A 283 -14.25 2.79 -21.40
CA THR A 283 -15.09 1.62 -21.61
C THR A 283 -14.36 0.40 -22.20
N GLN A 284 -13.25 0.65 -22.89
CA GLN A 284 -12.46 -0.41 -23.49
C GLN A 284 -10.97 -0.05 -23.50
N ALA A 285 -10.11 -1.06 -23.63
CA ALA A 285 -8.67 -0.83 -23.67
C ALA A 285 -7.99 -1.76 -24.68
N SER A 286 -6.94 -1.28 -25.33
CA SER A 286 -6.22 -2.11 -26.29
C SER A 286 -4.99 -2.71 -25.62
N LEU A 287 -4.59 -3.90 -26.06
CA LEU A 287 -3.43 -4.59 -25.56
C LEU A 287 -2.62 -4.99 -26.79
N GLU A 288 -1.44 -4.38 -26.96
CA GLU A 288 -0.54 -4.60 -28.09
C GLU A 288 0.88 -4.95 -27.61
N ILE A 289 1.30 -6.21 -27.83
CA ILE A 289 2.63 -6.69 -27.45
C ILE A 289 3.32 -7.23 -28.72
N ASP A 290 4.51 -6.68 -29.05
CA ASP A 290 5.26 -7.15 -30.21
C ASP A 290 6.04 -8.42 -29.87
N SER A 291 5.96 -9.44 -30.74
CA SER A 291 6.67 -10.73 -30.63
C SER A 291 6.57 -11.30 -29.20
N LEU A 292 5.32 -11.59 -28.78
CA LEU A 292 5.04 -12.13 -27.45
C LEU A 292 5.58 -13.55 -27.28
N PHE A 293 5.32 -14.43 -28.26
CA PHE A 293 5.73 -15.83 -28.22
C PHE A 293 5.98 -16.31 -29.62
N GLU A 294 7.16 -16.93 -29.85
CA GLU A 294 7.55 -17.48 -31.16
C GLU A 294 7.37 -16.45 -32.30
N GLY A 295 7.83 -15.22 -32.06
CA GLY A 295 7.78 -14.12 -33.01
C GLY A 295 6.40 -13.59 -33.36
N ILE A 296 5.35 -14.07 -32.65
CA ILE A 296 3.97 -13.69 -32.90
C ILE A 296 3.58 -12.43 -32.14
N ASP A 297 3.12 -11.39 -32.87
CA ASP A 297 2.62 -10.16 -32.29
C ASP A 297 1.23 -10.42 -31.72
N PHE A 298 0.90 -9.80 -30.59
CA PHE A 298 -0.41 -9.95 -29.96
C PHE A 298 -1.14 -8.62 -29.85
N TYR A 299 -2.00 -8.33 -30.84
CA TYR A 299 -2.78 -7.09 -30.91
C TYR A 299 -4.26 -7.37 -30.69
N THR A 300 -4.77 -7.01 -29.51
CA THR A 300 -6.15 -7.25 -29.11
C THR A 300 -6.73 -6.09 -28.25
N SER A 301 -7.91 -6.31 -27.65
CA SER A 301 -8.61 -5.37 -26.79
C SER A 301 -9.51 -6.13 -25.80
N ILE A 302 -10.06 -5.39 -24.82
CA ILE A 302 -10.99 -5.90 -23.82
C ILE A 302 -11.93 -4.76 -23.41
N THR A 303 -13.20 -5.08 -23.23
CA THR A 303 -14.20 -4.11 -22.80
C THR A 303 -14.18 -4.04 -21.28
N ARG A 304 -14.74 -2.96 -20.71
CA ARG A 304 -14.88 -2.82 -19.26
C ARG A 304 -15.80 -3.95 -18.77
N ALA A 305 -16.91 -4.23 -19.52
CA ALA A 305 -17.88 -5.28 -19.19
C ALA A 305 -17.22 -6.64 -19.05
N ARG A 306 -16.29 -7.01 -19.97
CA ARG A 306 -15.60 -8.32 -19.90
C ARG A 306 -14.64 -8.36 -18.72
N PHE A 307 -13.92 -7.26 -18.47
CA PHE A 307 -13.03 -7.20 -17.31
C PHE A 307 -13.83 -7.37 -16.00
N GLU A 308 -14.97 -6.65 -15.88
CA GLU A 308 -15.89 -6.71 -14.73
C GLU A 308 -16.40 -8.16 -14.56
N GLU A 309 -16.77 -8.84 -15.65
CA GLU A 309 -17.23 -10.24 -15.61
C GLU A 309 -16.09 -11.16 -15.10
N LEU A 310 -14.87 -10.99 -15.63
CA LEU A 310 -13.68 -11.78 -15.23
C LEU A 310 -13.36 -11.73 -13.74
N CYS A 311 -13.54 -10.55 -13.11
CA CYS A 311 -13.19 -10.29 -11.71
C CYS A 311 -14.43 -10.19 -10.79
N SER A 312 -15.62 -10.44 -11.33
CA SER A 312 -16.92 -10.24 -10.70
C SER A 312 -17.07 -10.81 -9.29
N ASP A 313 -16.71 -12.08 -9.10
CA ASP A 313 -16.75 -12.75 -7.78
C ASP A 313 -15.81 -12.06 -6.79
N LEU A 314 -14.63 -11.68 -7.25
CA LEU A 314 -13.69 -11.00 -6.39
C LEU A 314 -14.21 -9.63 -5.92
N PHE A 315 -14.79 -8.85 -6.83
CA PHE A 315 -15.30 -7.53 -6.47
C PHE A 315 -16.42 -7.67 -5.44
N ARG A 316 -17.31 -8.63 -5.68
CA ARG A 316 -18.44 -8.87 -4.78
C ARG A 316 -17.99 -9.27 -3.39
N SER A 317 -16.94 -10.07 -3.32
CA SER A 317 -16.43 -10.55 -2.04
C SER A 317 -15.92 -9.43 -1.09
N THR A 318 -15.67 -8.18 -1.60
CA THR A 318 -15.24 -7.05 -0.77
C THR A 318 -16.33 -6.62 0.24
N LEU A 319 -17.60 -6.97 -0.02
CA LEU A 319 -18.74 -6.62 0.83
C LEU A 319 -18.89 -7.53 2.06
N GLU A 320 -18.37 -8.79 2.03
CA GLU A 320 -18.44 -9.70 3.19
C GLU A 320 -17.68 -9.10 4.39
N PRO A 321 -16.41 -8.64 4.25
CA PRO A 321 -15.74 -7.99 5.41
C PRO A 321 -16.46 -6.70 5.89
N VAL A 322 -17.18 -5.98 4.97
CA VAL A 322 -17.98 -4.78 5.29
C VAL A 322 -19.13 -5.18 6.24
N GLU A 323 -19.81 -6.32 5.97
CA GLU A 323 -20.91 -6.81 6.81
C GLU A 323 -20.35 -7.30 8.15
N LYS A 324 -19.21 -7.98 8.10
CA LYS A 324 -18.59 -8.47 9.31
C LYS A 324 -18.17 -7.33 10.23
N ALA A 325 -17.43 -6.36 9.70
CA ALA A 325 -17.00 -5.23 10.51
C ALA A 325 -18.19 -4.54 11.17
N LEU A 326 -19.32 -4.34 10.40
CA LEU A 326 -20.54 -3.70 10.96
C LEU A 326 -21.15 -4.53 12.09
N ARG A 327 -21.08 -5.86 11.96
CA ARG A 327 -21.56 -6.82 12.96
C ARG A 327 -20.71 -6.67 14.22
N ASP A 328 -19.38 -6.58 14.06
CA ASP A 328 -18.49 -6.42 15.21
C ASP A 328 -18.65 -5.06 15.92
N ALA A 329 -18.71 -3.97 15.15
CA ALA A 329 -18.88 -2.61 15.67
C ALA A 329 -20.27 -2.40 16.30
N LYS A 330 -21.19 -3.39 16.14
CA LYS A 330 -22.57 -3.38 16.62
C LYS A 330 -23.34 -2.21 15.98
N LEU A 331 -23.14 -2.04 14.67
CA LEU A 331 -23.77 -0.95 13.94
C LEU A 331 -24.48 -1.36 12.65
N ASP A 332 -25.44 -0.54 12.26
CA ASP A 332 -26.21 -0.70 11.04
C ASP A 332 -25.54 0.19 10.00
N LYS A 333 -25.81 -0.07 8.73
CA LYS A 333 -25.18 0.70 7.65
C LYS A 333 -25.54 2.17 7.75
N ALA A 334 -26.79 2.44 8.11
CA ALA A 334 -27.29 3.80 8.20
C ALA A 334 -26.47 4.62 9.19
N GLN A 335 -26.02 3.97 10.24
CA GLN A 335 -25.24 4.60 11.29
C GLN A 335 -23.86 5.13 10.88
N ILE A 336 -23.32 4.65 9.77
CA ILE A 336 -22.02 5.11 9.33
C ILE A 336 -22.14 6.48 8.65
N HIS A 337 -21.57 7.50 9.30
CA HIS A 337 -21.58 8.87 8.80
C HIS A 337 -20.72 9.16 7.56
N ASP A 338 -19.52 8.59 7.55
CA ASP A 338 -18.53 8.81 6.48
C ASP A 338 -17.92 7.51 5.92
N LEU A 339 -17.80 7.44 4.58
CA LEU A 339 -17.17 6.33 3.86
C LEU A 339 -15.92 6.90 3.18
N VAL A 340 -14.77 6.26 3.40
CA VAL A 340 -13.47 6.74 2.88
C VAL A 340 -12.80 5.65 2.06
N LEU A 341 -12.37 5.99 0.83
CA LEU A 341 -11.69 5.00 -0.04
C LEU A 341 -10.18 5.16 -0.01
N VAL A 342 -9.48 4.05 0.24
CA VAL A 342 -8.00 4.01 0.30
C VAL A 342 -7.52 2.88 -0.60
N GLY A 343 -6.36 3.08 -1.24
CA GLY A 343 -5.77 2.10 -2.13
C GLY A 343 -6.17 2.34 -3.57
N GLY A 344 -5.21 2.21 -4.46
CA GLY A 344 -5.38 2.44 -5.89
C GLY A 344 -6.46 1.63 -6.58
N SER A 345 -6.76 0.41 -6.07
CA SER A 345 -7.80 -0.45 -6.63
C SER A 345 -9.22 0.09 -6.42
N THR A 346 -9.40 1.05 -5.48
CA THR A 346 -10.71 1.65 -5.26
C THR A 346 -11.10 2.59 -6.40
N ARG A 347 -10.22 2.82 -7.39
CA ARG A 347 -10.52 3.63 -8.58
C ARG A 347 -11.45 2.86 -9.56
N ILE A 348 -11.57 1.54 -9.39
CA ILE A 348 -12.40 0.68 -10.25
C ILE A 348 -13.89 1.07 -10.12
N PRO A 349 -14.55 1.53 -11.22
CA PRO A 349 -15.96 1.96 -11.11
C PRO A 349 -16.89 0.92 -10.49
N LYS A 350 -16.75 -0.36 -10.89
CA LYS A 350 -17.57 -1.46 -10.38
C LYS A 350 -17.46 -1.62 -8.86
N VAL A 351 -16.25 -1.48 -8.32
CA VAL A 351 -15.98 -1.60 -6.88
C VAL A 351 -16.70 -0.45 -6.15
N GLN A 352 -16.58 0.76 -6.70
CA GLN A 352 -17.23 1.96 -6.17
C GLN A 352 -18.74 1.82 -6.12
N LYS A 353 -19.33 1.33 -7.24
CA LYS A 353 -20.75 1.08 -7.41
C LYS A 353 -21.24 0.09 -6.36
N LEU A 354 -20.52 -1.05 -6.19
CA LEU A 354 -20.96 -2.10 -5.26
C LEU A 354 -21.07 -1.59 -3.83
N LEU A 355 -20.07 -0.83 -3.38
CA LEU A 355 -20.03 -0.23 -2.06
C LEU A 355 -21.13 0.83 -1.93
N GLN A 356 -21.24 1.72 -2.93
CA GLN A 356 -22.26 2.76 -2.94
C GLN A 356 -23.68 2.17 -2.85
N ASP A 357 -23.98 1.10 -3.64
CA ASP A 357 -25.28 0.43 -3.60
C ASP A 357 -25.51 -0.26 -2.26
N PHE A 358 -24.43 -0.81 -1.66
CA PHE A 358 -24.57 -1.49 -0.38
C PHE A 358 -25.02 -0.49 0.71
N PHE A 359 -24.48 0.75 0.68
CA PHE A 359 -24.81 1.86 1.57
C PHE A 359 -25.97 2.77 1.06
N ASN A 360 -26.79 2.26 0.13
CA ASN A 360 -27.97 2.94 -0.46
C ASN A 360 -27.69 4.31 -1.13
N GLY A 361 -26.74 4.34 -2.05
CA GLY A 361 -26.39 5.53 -2.83
C GLY A 361 -25.60 6.64 -2.16
N ARG A 362 -25.03 6.37 -0.98
CA ARG A 362 -24.23 7.34 -0.25
C ARG A 362 -22.98 7.76 -1.03
N ASP A 363 -22.55 9.03 -0.89
CA ASP A 363 -21.33 9.54 -1.51
C ASP A 363 -20.14 8.89 -0.80
N LEU A 364 -19.05 8.68 -1.55
CA LEU A 364 -17.81 8.11 -1.05
C LEU A 364 -16.75 9.21 -1.04
N ASN A 365 -15.94 9.31 0.04
CA ASN A 365 -14.84 10.26 0.09
C ASN A 365 -13.70 9.63 -0.70
N LYS A 366 -13.42 10.20 -1.88
CA LYS A 366 -12.39 9.71 -2.79
C LYS A 366 -11.65 10.85 -3.49
N SER A 367 -11.97 12.11 -3.12
CA SER A 367 -11.34 13.32 -3.65
C SER A 367 -9.83 13.38 -3.35
N ILE A 368 -9.41 12.81 -2.21
CA ILE A 368 -7.99 12.78 -1.92
C ILE A 368 -7.55 11.50 -2.61
N ASN A 369 -6.43 11.54 -3.31
CA ASN A 369 -5.98 10.38 -4.05
C ASN A 369 -5.93 9.19 -3.09
N PRO A 370 -6.56 8.07 -3.46
CA PRO A 370 -6.63 6.89 -2.59
C PRO A 370 -5.26 6.34 -2.22
N ASP A 371 -4.32 6.42 -3.13
CA ASP A 371 -2.94 5.99 -2.95
C ASP A 371 -2.19 6.89 -1.97
N GLU A 372 -2.61 8.14 -1.87
CA GLU A 372 -1.95 9.13 -1.03
C GLU A 372 -2.61 9.59 0.29
N ALA A 373 -3.87 9.23 0.51
CA ALA A 373 -4.62 9.68 1.72
C ALA A 373 -3.98 9.33 3.08
N VAL A 374 -3.41 8.13 3.21
CA VAL A 374 -2.74 7.71 4.46
C VAL A 374 -1.51 8.58 4.73
N ALA A 375 -0.62 8.78 3.71
CA ALA A 375 0.53 9.67 3.95
C ALA A 375 0.07 11.12 4.18
N TYR A 376 -0.98 11.54 3.49
CA TYR A 376 -1.53 12.91 3.65
C TYR A 376 -1.89 13.15 5.14
N GLY A 377 -2.66 12.24 5.71
CA GLY A 377 -3.06 12.31 7.11
C GLY A 377 -1.88 12.24 8.06
N ALA A 378 -0.87 11.39 7.75
CA ALA A 378 0.34 11.29 8.56
C ALA A 378 1.08 12.64 8.56
N ALA A 379 1.09 13.34 7.39
CA ALA A 379 1.77 14.65 7.28
C ALA A 379 1.06 15.72 8.10
N VAL A 380 -0.29 15.71 8.11
CA VAL A 380 -1.09 16.67 8.89
C VAL A 380 -0.74 16.49 10.39
N GLN A 381 -0.75 15.24 10.88
CA GLN A 381 -0.45 14.92 12.27
C GLN A 381 1.01 15.27 12.67
N ALA A 382 1.98 15.04 11.77
CA ALA A 382 3.39 15.35 12.03
C ALA A 382 3.58 16.83 12.29
N ALA A 383 2.93 17.69 11.48
CA ALA A 383 3.01 19.14 11.65
C ALA A 383 2.39 19.55 13.01
N ILE A 384 1.28 18.91 13.41
CA ILE A 384 0.64 19.16 14.71
C ILE A 384 1.58 18.79 15.88
N LEU A 385 2.21 17.63 15.77
CA LEU A 385 3.08 17.09 16.81
C LEU A 385 4.31 17.93 17.15
N ILE A 386 4.93 18.57 16.17
CA ILE A 386 6.11 19.37 16.46
C ILE A 386 5.82 20.79 16.97
N LYS A 387 4.56 21.17 17.04
CA LYS A 387 4.20 22.48 17.54
C LYS A 387 4.62 22.58 19.01
N SER A 388 5.15 23.73 19.41
CA SER A 388 5.60 23.94 20.78
C SER A 388 5.21 25.35 21.26
N THR A 389 3.91 25.66 21.14
CA THR A 389 3.40 26.98 21.54
C THR A 389 3.37 27.14 23.06
N ARG A 390 3.83 28.30 23.53
CA ARG A 390 3.79 28.70 24.93
C ARG A 390 2.58 29.64 25.01
N ALA A 391 1.66 29.37 25.94
CA ALA A 391 0.42 30.12 26.15
C ALA A 391 0.65 31.63 26.35
N ALA A 392 -0.17 32.46 25.70
CA ALA A 392 -0.16 33.91 25.81
C ALA A 392 -0.86 34.29 27.12
N ALA A 393 -0.63 35.52 27.62
CA ALA A 393 -1.21 36.03 28.86
C ALA A 393 -2.74 36.01 28.88
#